data_1LPG
#
_entry.id   1LPG
#
_cell.length_a   56.200
_cell.length_b   72.000
_cell.length_c   78.700
_cell.angle_alpha   90.00
_cell.angle_beta   90.00
_cell.angle_gamma   90.00
#
_symmetry.space_group_name_H-M   'P 21 21 21'
#
loop_
_entity.id
_entity.type
_entity.pdbx_description
1 polymer 'Blood coagulation factor Xa'
2 polymer 'Blood coagulation factor Xa'
3 non-polymer 'CALCIUM ION'
4 non-polymer [4-({[5-BENZYLOXY-1-(3-CARBAMIMIDOYL-BENZYL)-1H-INDOLE-2-CARBONYL]-AMINO}-METHYL)-PHENYL]-TRIMETHYL-AMMONIUM
5 water water
#
loop_
_entity_poly.entity_id
_entity_poly.type
_entity_poly.pdbx_seq_one_letter_code
_entity_poly.pdbx_strand_id
1 'polypeptide(L)'
;EEMKKGHLERECMEETCSYEEAREVFEDSDKTNEFWNKYKDGDQCETSPCQNQGKCKDGLGEYTCTCLEGFEGKNCELFT
RKLCSLDNGDCDQFCHEEQNSVVCSCARGYTLADNGKACIPTGPYPCGKQTLER
;
A
2 'polypeptide(L)'
;IVGGQECKDGECPWQALLINEENEGFCGGTILSEFYILTAAHCLYQAKRFKVRVGDRNTEQEEGGEAVHEVEVVIKHNRF
TKETYDFDIAVLRLKTPITFRMNVAPACLPERDWAESTLMTQKTGIVSGFGRTHEKGRQSTRLKMLEVPYVDRNSCKLSS
SFIITQNMFCAGYDTKQEDACQGDSGGPHVTRFKDTYFVTGIVSWGEGCARKGKYGIYTKVTAFLKWIDRSMKTRGLPKA
KSHAPEVITSSPLK
;
B
#
# COMPACT_ATOMS: atom_id res chain seq x y z
N ARG A 81 -0.54 -20.93 20.74
CA ARG A 81 -0.75 -19.49 21.03
C ARG A 81 -0.24 -19.16 22.42
N LYS A 82 1.06 -18.91 22.51
CA LYS A 82 1.69 -18.60 23.78
C LYS A 82 1.95 -17.12 24.03
N LEU A 83 2.95 -16.56 23.37
CA LEU A 83 3.29 -15.16 23.57
C LEU A 83 2.68 -14.27 22.50
N CYS A 84 3.48 -13.86 21.52
CA CYS A 84 2.97 -13.02 20.44
C CYS A 84 1.86 -13.70 19.67
N SER A 85 1.78 -15.03 19.73
CA SER A 85 0.74 -15.76 19.03
C SER A 85 -0.57 -15.68 19.80
N LEU A 86 -0.49 -15.33 21.07
CA LEU A 86 -1.70 -15.19 21.86
C LEU A 86 -2.14 -13.72 21.85
N ASP A 87 -3.09 -13.40 20.98
CA ASP A 87 -3.63 -12.05 20.88
C ASP A 87 -2.53 -10.98 20.69
N ASN A 88 -1.59 -11.26 19.80
CA ASN A 88 -0.50 -10.33 19.53
C ASN A 88 0.27 -9.92 20.78
N GLY A 89 0.22 -10.77 21.82
CA GLY A 89 0.92 -10.50 23.06
C GLY A 89 0.43 -9.29 23.84
N ASP A 90 -0.77 -8.81 23.48
CA ASP A 90 -1.39 -7.64 24.11
C ASP A 90 -0.76 -6.34 23.63
N CYS A 91 -0.01 -6.42 22.54
CA CYS A 91 0.65 -5.25 21.97
C CYS A 91 -0.30 -4.54 21.03
N ASP A 92 -0.12 -3.23 20.87
CA ASP A 92 -0.95 -2.45 19.97
C ASP A 92 -0.47 -2.73 18.55
N GLN A 93 0.86 -2.79 18.42
CA GLN A 93 1.51 -3.00 17.15
C GLN A 93 2.50 -4.17 17.14
N PHE A 94 3.77 -3.89 16.88
CA PHE A 94 4.79 -4.94 16.79
C PHE A 94 4.97 -5.77 18.05
N CYS A 95 5.03 -7.10 17.87
CA CYS A 95 5.22 -8.01 18.98
C CYS A 95 6.37 -8.95 18.64
N HIS A 96 7.27 -9.15 19.59
CA HIS A 96 8.41 -10.03 19.39
C HIS A 96 8.75 -10.71 20.71
N GLU A 97 9.00 -12.00 20.63
CA GLU A 97 9.35 -12.81 21.80
C GLU A 97 10.87 -12.82 21.94
N GLU A 98 11.37 -12.17 22.98
CA GLU A 98 12.81 -12.08 23.19
C GLU A 98 13.22 -12.90 24.40
N GLN A 99 13.99 -13.95 24.16
CA GLN A 99 14.44 -14.82 25.23
C GLN A 99 13.23 -15.16 26.08
N ASN A 100 12.17 -15.57 25.39
CA ASN A 100 10.90 -15.89 26.03
C ASN A 100 10.33 -14.56 26.50
N SER A 101 9.03 -14.48 26.76
CA SER A 101 8.42 -13.23 27.19
C SER A 101 8.22 -12.27 26.00
N VAL A 102 7.13 -11.52 26.05
CA VAL A 102 6.78 -10.59 24.97
C VAL A 102 7.44 -9.21 25.07
N VAL A 103 7.74 -8.63 23.93
CA VAL A 103 8.32 -7.29 23.86
C VAL A 103 7.60 -6.53 22.74
N CYS A 104 6.85 -5.49 23.09
CA CYS A 104 6.13 -4.70 22.09
C CYS A 104 6.93 -3.49 21.66
N SER A 105 6.64 -3.00 20.46
CA SER A 105 7.28 -1.82 19.92
C SER A 105 6.27 -1.11 19.00
N CYS A 106 6.62 0.05 18.48
CA CYS A 106 5.71 0.80 17.62
C CYS A 106 6.39 1.37 16.39
N ALA A 107 5.59 1.70 15.38
CA ALA A 107 6.12 2.29 14.14
C ALA A 107 6.66 3.69 14.42
N ARG A 108 7.43 4.22 13.48
CA ARG A 108 7.99 5.55 13.63
C ARG A 108 6.82 6.52 13.78
N GLY A 109 6.94 7.44 14.72
CA GLY A 109 5.86 8.39 14.93
C GLY A 109 5.03 8.01 16.14
N TYR A 110 5.36 6.89 16.76
CA TYR A 110 4.63 6.45 17.95
C TYR A 110 5.66 6.19 19.03
N THR A 111 5.22 6.18 20.28
CA THR A 111 6.12 5.88 21.37
C THR A 111 5.38 4.88 22.24
N LEU A 112 6.12 3.89 22.73
CA LEU A 112 5.53 2.88 23.59
C LEU A 112 5.04 3.51 24.89
N ALA A 113 3.77 3.34 25.19
CA ALA A 113 3.18 3.89 26.39
C ALA A 113 3.91 3.30 27.61
N ASP A 114 3.57 3.82 28.78
CA ASP A 114 4.18 3.36 30.02
C ASP A 114 3.90 1.89 30.34
N ASN A 115 2.83 1.35 29.79
CA ASN A 115 2.49 -0.05 30.02
C ASN A 115 3.34 -0.99 29.17
N GLY A 116 4.20 -0.41 28.33
CA GLY A 116 5.06 -1.19 27.47
C GLY A 116 4.32 -1.99 26.42
N LYS A 117 3.09 -1.59 26.12
CA LYS A 117 2.27 -2.30 25.14
C LYS A 117 1.58 -1.38 24.15
N ALA A 118 0.97 -0.31 24.66
CA ALA A 118 0.24 0.64 23.82
C ALA A 118 1.16 1.55 23.05
N CYS A 119 0.69 2.05 21.93
CA CYS A 119 1.46 2.94 21.09
C CYS A 119 0.79 4.31 21.03
N ILE A 120 1.54 5.33 21.44
CA ILE A 120 1.05 6.70 21.48
C ILE A 120 1.62 7.56 20.34
N PRO A 121 0.75 8.24 19.57
CA PRO A 121 1.21 9.08 18.46
C PRO A 121 2.07 10.24 18.96
N THR A 122 3.11 10.56 18.21
CA THR A 122 4.01 11.65 18.55
C THR A 122 3.54 13.00 18.00
N GLY A 123 2.87 12.98 16.86
CA GLY A 123 2.42 14.22 16.27
C GLY A 123 0.97 14.19 15.85
N PRO A 124 0.51 15.23 15.14
CA PRO A 124 -0.85 15.43 14.63
C PRO A 124 -1.33 14.44 13.56
N TYR A 125 -0.42 13.95 12.73
CA TYR A 125 -0.81 13.01 11.68
C TYR A 125 0.04 11.74 11.71
N PRO A 126 -0.11 10.93 12.77
CA PRO A 126 0.66 9.69 12.88
C PRO A 126 0.33 8.77 11.70
N CYS A 127 1.25 7.88 11.36
CA CYS A 127 1.04 6.98 10.25
C CYS A 127 -0.08 5.97 10.52
N GLY A 128 -0.73 5.53 9.44
CA GLY A 128 -1.76 4.53 9.56
C GLY A 128 -3.08 4.94 10.16
N LYS A 129 -3.26 6.22 10.47
CA LYS A 129 -4.50 6.70 11.04
C LYS A 129 -5.34 7.40 9.99
N GLN A 130 -6.58 6.96 9.82
CA GLN A 130 -7.47 7.61 8.86
C GLN A 130 -7.70 9.03 9.43
N THR A 131 -7.67 10.04 8.55
CA THR A 131 -7.83 11.41 9.01
C THR A 131 -9.25 11.80 9.40
N LEU A 132 -9.44 12.09 10.68
CA LEU A 132 -10.74 12.48 11.23
C LEU A 132 -10.98 13.98 11.12
N GLU A 133 -9.90 14.74 11.00
CA GLU A 133 -9.99 16.20 10.89
C GLU A 133 -8.79 16.80 10.15
N ILE B 1 -10.39 0.14 -9.72
CA ILE B 1 -10.99 -0.80 -8.74
C ILE B 1 -12.33 -1.33 -9.24
N VAL B 2 -12.45 -2.65 -9.36
CA VAL B 2 -13.69 -3.28 -9.80
C VAL B 2 -14.44 -3.63 -8.51
N GLY B 3 -15.70 -3.21 -8.42
CA GLY B 3 -16.46 -3.47 -7.21
C GLY B 3 -15.96 -2.51 -6.13
N GLY B 4 -16.10 -2.90 -4.87
CA GLY B 4 -15.64 -2.04 -3.80
C GLY B 4 -16.55 -0.88 -3.53
N GLN B 5 -16.03 0.11 -2.82
CA GLN B 5 -16.79 1.30 -2.48
C GLN B 5 -15.87 2.48 -2.70
N GLU B 6 -16.45 3.66 -2.86
CA GLU B 6 -15.61 4.82 -3.05
C GLU B 6 -15.01 5.23 -1.69
N CYS B 7 -13.77 5.71 -1.70
CA CYS B 7 -13.10 6.14 -0.47
C CYS B 7 -13.78 7.38 0.06
N LYS B 8 -14.25 7.31 1.30
CA LYS B 8 -14.90 8.45 1.92
C LYS B 8 -13.86 9.43 2.49
N ASP B 9 -14.34 10.58 2.90
CA ASP B 9 -13.48 11.62 3.43
C ASP B 9 -12.57 11.14 4.54
N GLY B 10 -11.27 11.25 4.31
CA GLY B 10 -10.29 10.84 5.31
C GLY B 10 -10.04 9.35 5.43
N GLU B 11 -10.66 8.55 4.56
CA GLU B 11 -10.53 7.09 4.60
C GLU B 11 -9.28 6.48 3.97
N CYS B 12 -8.80 7.08 2.88
CA CYS B 12 -7.62 6.59 2.17
C CYS B 12 -6.62 7.74 2.01
N PRO B 13 -6.18 8.31 3.15
CA PRO B 13 -5.25 9.44 3.15
C PRO B 13 -3.84 9.19 2.63
N TRP B 14 -3.44 7.93 2.58
CA TRP B 14 -2.10 7.54 2.10
C TRP B 14 -2.02 7.35 0.58
N GLN B 15 -3.15 7.50 -0.11
CA GLN B 15 -3.17 7.34 -1.56
C GLN B 15 -2.50 8.48 -2.34
N ALA B 16 -1.58 8.14 -3.23
CA ALA B 16 -0.89 9.11 -4.06
C ALA B 16 -1.27 8.76 -5.49
N LEU B 17 -1.20 9.74 -6.41
CA LEU B 17 -1.55 9.49 -7.81
C LEU B 17 -0.49 10.05 -8.75
N LEU B 18 0.14 9.17 -9.51
CA LEU B 18 1.17 9.58 -10.46
C LEU B 18 0.43 10.12 -11.67
N ILE B 19 0.75 11.35 -12.04
CA ILE B 19 0.10 12.01 -13.16
C ILE B 19 1.12 12.33 -14.27
N ASN B 20 0.71 12.13 -15.51
CA ASN B 20 1.57 12.41 -16.66
C ASN B 20 1.51 13.88 -17.04
N GLU B 21 2.27 14.25 -18.07
CA GLU B 21 2.33 15.64 -18.52
C GLU B 21 0.98 16.29 -18.85
N GLU B 22 -0.01 15.45 -19.16
CA GLU B 22 -1.33 15.95 -19.49
C GLU B 22 -2.28 15.83 -18.30
N ASN B 23 -1.71 15.82 -17.11
CA ASN B 23 -2.49 15.74 -15.87
C ASN B 23 -3.38 14.50 -15.72
N GLU B 24 -3.08 13.43 -16.43
CA GLU B 24 -3.89 12.23 -16.32
C GLU B 24 -3.19 11.25 -15.38
N GLY B 25 -3.93 10.67 -14.45
CA GLY B 25 -3.33 9.72 -13.54
C GLY B 25 -3.10 8.41 -14.28
N PHE B 26 -1.92 7.83 -14.16
CA PHE B 26 -1.63 6.56 -14.84
C PHE B 26 -1.25 5.41 -13.91
N CYS B 27 -0.96 5.73 -12.66
CA CYS B 27 -0.59 4.72 -11.68
C CYS B 27 -0.88 5.32 -10.31
N GLY B 28 -0.76 4.50 -9.27
CA GLY B 28 -0.98 4.95 -7.92
C GLY B 28 0.31 4.89 -7.12
N GLY B 29 0.20 5.19 -5.83
CA GLY B 29 1.35 5.15 -4.96
C GLY B 29 0.86 5.25 -3.53
N THR B 30 1.77 5.06 -2.59
CA THR B 30 1.44 5.14 -1.17
C THR B 30 2.34 6.14 -0.50
N ILE B 31 1.76 7.04 0.28
CA ILE B 31 2.55 8.04 0.99
C ILE B 31 3.24 7.31 2.13
N LEU B 32 4.56 7.37 2.17
CA LEU B 32 5.37 6.73 3.21
C LEU B 32 5.80 7.73 4.26
N SER B 33 6.09 8.95 3.84
CA SER B 33 6.54 10.01 4.74
C SER B 33 6.34 11.33 4.01
N GLU B 34 6.78 12.43 4.61
CA GLU B 34 6.60 13.74 3.97
C GLU B 34 7.37 13.90 2.67
N PHE B 35 8.42 13.11 2.48
CA PHE B 35 9.24 13.21 1.26
C PHE B 35 9.16 11.98 0.38
N TYR B 36 8.70 10.85 0.91
CA TYR B 36 8.67 9.62 0.13
C TYR B 36 7.35 8.99 -0.26
N ILE B 37 7.32 8.48 -1.49
CA ILE B 37 6.16 7.81 -2.07
C ILE B 37 6.63 6.43 -2.54
N LEU B 38 5.85 5.41 -2.25
CA LEU B 38 6.17 4.05 -2.65
C LEU B 38 5.31 3.74 -3.85
N THR B 39 5.91 3.14 -4.88
CA THR B 39 5.15 2.78 -6.08
C THR B 39 5.76 1.55 -6.79
N ALA B 40 5.16 1.16 -7.92
CA ALA B 40 5.65 0.02 -8.69
C ALA B 40 6.72 0.51 -9.66
N ALA B 41 7.79 -0.27 -9.81
CA ALA B 41 8.88 0.09 -10.72
C ALA B 41 8.41 0.10 -12.17
N HIS B 42 7.43 -0.72 -12.49
CA HIS B 42 6.93 -0.78 -13.86
C HIS B 42 6.18 0.49 -14.26
N CYS B 43 5.76 1.27 -13.27
CA CYS B 43 5.03 2.51 -13.51
C CYS B 43 5.90 3.62 -14.10
N LEU B 44 7.19 3.61 -13.76
CA LEU B 44 8.12 4.62 -14.24
C LEU B 44 8.28 4.59 -15.76
N TYR B 45 7.72 3.56 -16.38
CA TYR B 45 7.81 3.40 -17.82
C TYR B 45 6.64 4.03 -18.55
N GLN B 46 5.49 4.11 -17.88
CA GLN B 46 4.29 4.67 -18.50
C GLN B 46 4.30 6.18 -18.76
N ALA B 47 5.36 6.86 -18.34
CA ALA B 47 5.48 8.31 -18.54
C ALA B 47 6.93 8.77 -18.45
N LYS B 48 7.35 9.57 -19.43
CA LYS B 48 8.72 10.10 -19.45
C LYS B 48 8.89 11.18 -18.40
N ARG B 49 7.78 11.80 -18.03
CA ARG B 49 7.78 12.84 -17.01
C ARG B 49 6.45 12.75 -16.29
N PHE B 50 6.49 12.78 -14.97
CA PHE B 50 5.26 12.70 -14.18
C PHE B 50 5.43 13.38 -12.84
N LYS B 51 4.31 13.61 -12.17
CA LYS B 51 4.30 14.25 -10.87
C LYS B 51 3.48 13.38 -9.95
N VAL B 52 3.40 13.79 -8.69
CA VAL B 52 2.65 13.05 -7.70
C VAL B 52 1.63 13.95 -7.02
N ARG B 53 0.35 13.62 -7.19
CA ARG B 53 -0.73 14.37 -6.57
C ARG B 53 -1.26 13.63 -5.34
N VAL B 54 -1.46 14.35 -4.24
CA VAL B 54 -1.97 13.78 -3.01
C VAL B 54 -3.22 14.53 -2.59
N GLY B 55 -4.02 13.91 -1.73
CA GLY B 55 -5.25 14.53 -1.24
C GLY B 55 -6.39 14.52 -2.23
N ASP B 56 -6.22 13.75 -3.30
CA ASP B 56 -7.21 13.65 -4.36
C ASP B 56 -8.21 12.51 -4.20
N ARG B 57 -9.49 12.85 -4.18
CA ARG B 57 -10.54 11.84 -4.09
C ARG B 57 -11.42 11.87 -5.34
N ASN B 58 -11.51 13.04 -5.97
CA ASN B 58 -12.32 13.23 -7.18
C ASN B 58 -11.51 14.01 -8.21
N THR B 59 -11.08 13.33 -9.26
CA THR B 59 -10.26 13.94 -10.30
C THR B 59 -10.87 15.15 -11.01
N GLU B 60 -12.19 15.24 -11.03
CA GLU B 60 -12.83 16.38 -11.68
C GLU B 60 -13.37 17.41 -10.71
N GLN B 61 -12.67 17.63 -9.62
CA GLN B 61 -13.10 18.61 -8.63
C GLN B 61 -11.96 18.91 -7.66
N GLU B 62 -11.99 20.10 -7.06
CA GLU B 62 -10.94 20.50 -6.13
C GLU B 62 -11.43 20.59 -4.68
N GLU B 63 -11.33 19.49 -3.94
CA GLU B 63 -11.73 19.48 -2.53
C GLU B 63 -10.70 20.24 -1.69
N GLY B 64 -9.92 21.10 -2.36
CA GLY B 64 -8.91 21.90 -1.68
C GLY B 64 -7.69 21.19 -1.12
N GLY B 65 -7.91 20.04 -0.49
CA GLY B 65 -6.80 19.31 0.12
C GLY B 65 -5.73 18.74 -0.79
N GLU B 66 -5.97 18.78 -2.08
CA GLU B 66 -5.01 18.25 -3.04
C GLU B 66 -3.71 19.06 -3.13
N ALA B 67 -2.66 18.40 -3.56
CA ALA B 67 -1.36 19.03 -3.72
C ALA B 67 -0.55 18.25 -4.74
N VAL B 68 0.01 18.95 -5.71
CA VAL B 68 0.84 18.33 -6.74
C VAL B 68 2.30 18.49 -6.31
N HIS B 69 3.05 17.40 -6.36
CA HIS B 69 4.45 17.42 -5.96
C HIS B 69 5.32 16.91 -7.08
N GLU B 70 6.43 17.60 -7.32
CA GLU B 70 7.38 17.18 -8.35
C GLU B 70 8.32 16.18 -7.69
N VAL B 71 8.82 15.24 -8.48
CA VAL B 71 9.73 14.22 -7.95
C VAL B 71 11.19 14.66 -8.07
N GLU B 72 11.93 14.54 -6.99
CA GLU B 72 13.34 14.90 -7.00
C GLU B 72 14.25 13.73 -7.36
N VAL B 73 13.96 12.56 -6.81
CA VAL B 73 14.77 11.35 -7.06
C VAL B 73 13.91 10.12 -7.24
N VAL B 74 14.14 9.40 -8.32
CA VAL B 74 13.41 8.17 -8.57
C VAL B 74 14.35 7.01 -8.22
N ILE B 75 13.97 6.21 -7.24
CA ILE B 75 14.77 5.07 -6.84
C ILE B 75 14.04 3.77 -7.22
N LYS B 76 14.51 3.13 -8.28
CA LYS B 76 13.92 1.90 -8.77
C LYS B 76 14.76 0.72 -8.35
N HIS B 77 14.12 -0.38 -7.97
CA HIS B 77 14.87 -1.58 -7.59
C HIS B 77 15.69 -2.03 -8.80
N ASN B 78 16.98 -2.20 -8.60
CA ASN B 78 17.88 -2.61 -9.68
C ASN B 78 17.66 -4.03 -10.20
N ARG B 79 16.78 -4.78 -9.55
CA ARG B 79 16.51 -6.14 -9.99
C ARG B 79 15.15 -6.27 -10.67
N PHE B 80 14.48 -5.15 -10.95
CA PHE B 80 13.17 -5.21 -11.59
C PHE B 80 13.29 -5.78 -12.97
N THR B 81 12.45 -6.75 -13.29
CA THR B 81 12.46 -7.35 -14.62
C THR B 81 11.11 -7.25 -15.29
N LYS B 82 11.06 -6.50 -16.38
CA LYS B 82 9.82 -6.31 -17.13
C LYS B 82 9.26 -7.63 -17.62
N GLU B 83 10.12 -8.65 -17.69
CA GLU B 83 9.72 -9.96 -18.17
C GLU B 83 8.77 -10.73 -17.24
N THR B 84 8.92 -10.55 -15.94
CA THR B 84 8.11 -11.26 -14.97
C THR B 84 7.49 -10.36 -13.92
N TYR B 85 7.97 -9.13 -13.89
CA TYR B 85 7.54 -8.13 -12.92
C TYR B 85 8.08 -8.43 -11.54
N ASP B 86 9.13 -9.23 -11.48
CA ASP B 86 9.74 -9.55 -10.21
C ASP B 86 10.42 -8.27 -9.74
N PHE B 87 10.48 -8.05 -8.42
CA PHE B 87 11.10 -6.83 -7.86
C PHE B 87 10.39 -5.57 -8.38
N ASP B 88 9.06 -5.62 -8.46
CA ASP B 88 8.26 -4.49 -8.95
C ASP B 88 8.04 -3.46 -7.82
N ILE B 89 9.11 -2.72 -7.50
CA ILE B 89 9.06 -1.73 -6.43
C ILE B 89 9.97 -0.55 -6.74
N ALA B 90 9.52 0.64 -6.38
CA ALA B 90 10.27 1.87 -6.59
C ALA B 90 9.90 2.88 -5.49
N VAL B 91 10.84 3.72 -5.11
CA VAL B 91 10.59 4.73 -4.08
C VAL B 91 10.92 6.10 -4.70
N LEU B 92 10.04 7.08 -4.45
CA LEU B 92 10.23 8.44 -4.97
C LEU B 92 10.44 9.46 -3.87
N ARG B 93 11.46 10.28 -4.05
CA ARG B 93 11.79 11.35 -3.13
C ARG B 93 11.22 12.62 -3.78
N LEU B 94 10.33 13.31 -3.07
CA LEU B 94 9.72 14.52 -3.60
C LEU B 94 10.58 15.76 -3.39
N LYS B 95 10.46 16.72 -4.32
CA LYS B 95 11.24 17.95 -4.21
C LYS B 95 10.82 18.75 -2.97
N THR B 96 9.51 18.82 -2.74
CA THR B 96 8.95 19.53 -1.59
C THR B 96 8.23 18.53 -0.66
N PRO B 97 8.30 18.75 0.66
CA PRO B 97 7.64 17.83 1.60
C PRO B 97 6.12 17.93 1.55
N ILE B 98 5.46 16.81 1.83
CA ILE B 98 4.01 16.80 1.83
C ILE B 98 3.53 17.32 3.18
N THR B 99 2.56 18.22 3.16
CA THR B 99 2.01 18.75 4.40
C THR B 99 0.79 17.88 4.70
N PHE B 100 0.84 17.12 5.79
CA PHE B 100 -0.26 16.26 6.13
C PHE B 100 -1.49 17.06 6.52
N ARG B 101 -2.66 16.50 6.25
CA ARG B 101 -3.91 17.17 6.56
C ARG B 101 -5.01 16.16 6.31
N MET B 102 -6.25 16.61 6.34
CA MET B 102 -7.38 15.73 6.06
C MET B 102 -7.11 15.13 4.67
N ASN B 103 -7.21 13.81 4.56
CA ASN B 103 -6.99 13.10 3.30
C ASN B 103 -5.54 13.02 2.86
N VAL B 104 -4.63 13.51 3.68
CA VAL B 104 -3.21 13.47 3.34
C VAL B 104 -2.44 13.02 4.56
N ALA B 105 -2.07 11.74 4.60
CA ALA B 105 -1.34 11.18 5.73
C ALA B 105 -0.64 9.91 5.28
N PRO B 106 0.51 9.56 5.90
CA PRO B 106 1.27 8.36 5.55
C PRO B 106 0.73 7.06 6.11
N ALA B 107 1.02 5.96 5.42
CA ALA B 107 0.62 4.65 5.92
C ALA B 107 1.86 4.18 6.68
N CYS B 108 1.70 3.28 7.65
CA CYS B 108 2.84 2.79 8.44
C CYS B 108 3.60 1.64 7.80
N LEU B 109 4.92 1.66 7.93
CA LEU B 109 5.75 0.57 7.42
C LEU B 109 5.91 -0.37 8.61
N PRO B 110 5.50 -1.64 8.47
CA PRO B 110 5.62 -2.58 9.58
C PRO B 110 6.98 -3.27 9.61
N GLU B 111 7.21 -4.10 10.62
CA GLU B 111 8.45 -4.87 10.72
C GLU B 111 8.17 -6.14 9.96
N ARG B 112 9.18 -6.70 9.29
CA ARG B 112 9.01 -7.91 8.50
C ARG B 112 8.43 -9.11 9.24
N ASP B 113 9.12 -9.58 10.26
CA ASP B 113 8.65 -10.74 10.99
C ASP B 113 7.21 -10.61 11.46
N TRP B 114 6.92 -9.52 12.15
CA TRP B 114 5.57 -9.28 12.65
C TRP B 114 4.55 -9.16 11.53
N ALA B 115 4.91 -8.45 10.46
CA ALA B 115 4.00 -8.28 9.34
C ALA B 115 3.62 -9.64 8.69
N GLU B 116 4.60 -10.49 8.46
CA GLU B 116 4.38 -11.80 7.86
C GLU B 116 3.62 -12.74 8.78
N SER B 117 3.93 -12.71 10.07
CA SER B 117 3.20 -13.58 10.99
C SER B 117 1.85 -13.04 11.41
N THR B 118 1.73 -11.72 11.51
CA THR B 118 0.50 -11.11 11.97
C THR B 118 -0.39 -10.36 10.96
N LEU B 119 0.20 -9.58 10.07
CA LEU B 119 -0.59 -8.84 9.10
C LEU B 119 -0.99 -9.67 7.90
N MET B 120 -0.06 -10.44 7.36
CA MET B 120 -0.34 -11.26 6.20
C MET B 120 -1.14 -12.51 6.47
N THR B 121 -1.50 -12.69 7.74
CA THR B 121 -2.30 -13.80 8.17
C THR B 121 -3.67 -13.29 8.58
N GLN B 122 -3.91 -11.99 8.36
CA GLN B 122 -5.21 -11.39 8.66
C GLN B 122 -6.11 -11.94 7.55
N LYS B 123 -7.42 -11.75 7.69
CA LYS B 123 -8.34 -12.24 6.66
C LYS B 123 -8.23 -11.43 5.37
N THR B 124 -8.18 -10.11 5.50
CA THR B 124 -8.15 -9.24 4.34
C THR B 124 -7.13 -8.14 4.41
N GLY B 125 -7.02 -7.44 3.28
CA GLY B 125 -6.16 -6.29 3.12
C GLY B 125 -7.06 -5.30 2.38
N ILE B 126 -6.60 -4.08 2.14
CA ILE B 126 -7.42 -3.11 1.43
C ILE B 126 -6.62 -2.52 0.29
N VAL B 127 -7.20 -2.57 -0.91
CA VAL B 127 -6.55 -2.01 -2.08
C VAL B 127 -7.37 -0.79 -2.49
N SER B 128 -6.72 0.21 -3.08
CA SER B 128 -7.42 1.42 -3.48
C SER B 128 -6.78 2.10 -4.69
N GLY B 129 -7.55 2.94 -5.37
CA GLY B 129 -7.01 3.63 -6.52
C GLY B 129 -8.06 4.21 -7.45
N PHE B 130 -7.59 4.92 -8.46
CA PHE B 130 -8.44 5.55 -9.46
C PHE B 130 -8.50 4.72 -10.74
N GLY B 131 -8.02 3.49 -10.69
CA GLY B 131 -8.01 2.64 -11.87
C GLY B 131 -9.38 2.32 -12.44
N ARG B 132 -9.38 1.47 -13.46
CA ARG B 132 -10.58 1.04 -14.16
C ARG B 132 -11.59 0.33 -13.26
N THR B 133 -12.88 0.61 -13.50
CA THR B 133 -13.97 -0.01 -12.73
C THR B 133 -14.41 -1.37 -13.29
N HIS B 134 -13.90 -1.69 -14.48
CA HIS B 134 -14.16 -2.96 -15.17
C HIS B 134 -12.98 -3.17 -16.10
N GLU B 135 -12.69 -4.43 -16.43
CA GLU B 135 -11.56 -4.77 -17.31
C GLU B 135 -11.51 -3.92 -18.58
N LYS B 136 -12.66 -3.73 -19.20
CA LYS B 136 -12.75 -2.93 -20.44
C LYS B 136 -13.34 -1.54 -20.16
N GLY B 137 -13.61 -1.25 -18.89
CA GLY B 137 -14.18 0.03 -18.53
C GLY B 137 -13.10 1.10 -18.49
N ARG B 138 -13.49 2.33 -18.20
CA ARG B 138 -12.50 3.40 -18.13
C ARG B 138 -12.12 3.69 -16.71
N GLN B 139 -11.15 4.57 -16.57
CA GLN B 139 -10.60 4.99 -15.29
C GLN B 139 -11.68 5.61 -14.40
N SER B 140 -11.48 5.54 -13.09
CA SER B 140 -12.45 6.11 -12.17
C SER B 140 -12.07 7.56 -11.84
N THR B 141 -13.06 8.43 -11.79
CA THR B 141 -12.78 9.83 -11.44
C THR B 141 -12.86 9.94 -9.93
N ARG B 142 -13.37 8.88 -9.29
CA ARG B 142 -13.50 8.83 -7.84
C ARG B 142 -12.54 7.79 -7.28
N LEU B 143 -11.86 8.13 -6.18
CA LEU B 143 -10.93 7.22 -5.55
C LEU B 143 -11.73 6.12 -4.88
N LYS B 144 -11.41 4.87 -5.22
CA LYS B 144 -12.11 3.73 -4.65
C LYS B 144 -11.19 2.84 -3.81
N MET B 145 -11.81 1.99 -3.01
CA MET B 145 -11.10 1.06 -2.15
C MET B 145 -11.84 -0.27 -2.24
N LEU B 146 -11.16 -1.34 -1.87
CA LEU B 146 -11.75 -2.67 -1.91
C LEU B 146 -11.06 -3.58 -0.91
N GLU B 147 -11.86 -4.32 -0.17
CA GLU B 147 -11.31 -5.26 0.79
C GLU B 147 -11.00 -6.53 0.01
N VAL B 148 -9.75 -6.96 0.05
CA VAL B 148 -9.32 -8.18 -0.65
C VAL B 148 -8.71 -9.24 0.28
N PRO B 149 -9.33 -10.43 0.33
CA PRO B 149 -8.82 -11.52 1.18
C PRO B 149 -7.44 -11.94 0.75
N TYR B 150 -6.61 -12.33 1.70
CA TYR B 150 -5.29 -12.80 1.32
C TYR B 150 -5.55 -14.17 0.68
N VAL B 151 -4.81 -14.50 -0.38
CA VAL B 151 -4.99 -15.78 -1.05
C VAL B 151 -3.85 -16.75 -0.74
N ASP B 152 -4.21 -17.99 -0.42
CA ASP B 152 -3.23 -19.04 -0.12
C ASP B 152 -2.18 -19.13 -1.23
N ARG B 153 -0.91 -19.14 -0.82
CA ARG B 153 0.21 -19.20 -1.77
C ARG B 153 0.11 -20.30 -2.82
N ASN B 154 -0.20 -21.51 -2.38
CA ASN B 154 -0.32 -22.62 -3.30
C ASN B 154 -1.43 -22.37 -4.34
N SER B 155 -2.60 -21.96 -3.87
CA SER B 155 -3.70 -21.70 -4.79
C SER B 155 -3.31 -20.58 -5.75
N CYS B 156 -2.58 -19.60 -5.24
CA CYS B 156 -2.13 -18.47 -6.05
C CYS B 156 -1.29 -19.03 -7.20
N LYS B 157 -0.26 -19.79 -6.85
CA LYS B 157 0.62 -20.38 -7.86
C LYS B 157 -0.16 -21.23 -8.85
N LEU B 158 -1.12 -22.00 -8.34
CA LEU B 158 -1.94 -22.85 -9.18
C LEU B 158 -2.78 -22.08 -10.19
N SER B 159 -3.30 -20.93 -9.78
CA SER B 159 -4.15 -20.12 -10.63
C SER B 159 -3.45 -19.38 -11.77
N SER B 160 -2.21 -18.96 -11.52
CA SER B 160 -1.44 -18.18 -12.47
C SER B 160 -0.83 -18.81 -13.71
N SER B 161 -0.96 -18.10 -14.84
CA SER B 161 -0.39 -18.52 -16.12
C SER B 161 1.08 -18.01 -16.20
N PHE B 162 1.47 -17.19 -15.23
CA PHE B 162 2.81 -16.62 -15.19
C PHE B 162 3.44 -16.91 -13.82
N ILE B 163 4.76 -16.89 -13.77
CA ILE B 163 5.46 -17.17 -12.52
C ILE B 163 5.16 -16.18 -11.38
N ILE B 164 4.86 -16.74 -10.21
CA ILE B 164 4.59 -15.95 -9.02
C ILE B 164 5.84 -16.11 -8.18
N THR B 165 6.74 -15.15 -8.33
CA THR B 165 7.99 -15.16 -7.61
C THR B 165 7.78 -14.93 -6.13
N GLN B 166 8.81 -15.16 -5.35
CA GLN B 166 8.74 -15.00 -3.91
C GLN B 166 8.54 -13.54 -3.48
N ASN B 167 8.61 -12.63 -4.46
CA ASN B 167 8.43 -11.21 -4.21
C ASN B 167 7.01 -10.76 -4.54
N MET B 168 6.11 -11.73 -4.73
CA MET B 168 4.71 -11.46 -5.07
C MET B 168 3.79 -12.29 -4.18
N PHE B 169 2.52 -11.89 -4.13
CA PHE B 169 1.49 -12.60 -3.38
C PHE B 169 0.16 -12.25 -4.02
N CYS B 170 -0.81 -13.14 -3.90
CA CYS B 170 -2.13 -12.94 -4.48
C CYS B 170 -3.14 -12.43 -3.44
N ALA B 171 -4.11 -11.67 -3.92
CA ALA B 171 -5.17 -11.16 -3.06
C ALA B 171 -6.37 -10.96 -3.95
N GLY B 172 -7.55 -11.25 -3.43
CA GLY B 172 -8.73 -11.06 -4.24
C GLY B 172 -9.75 -12.14 -4.05
N TYR B 173 -10.52 -12.38 -5.11
CA TYR B 173 -11.58 -13.37 -5.09
C TYR B 173 -11.41 -14.31 -6.26
N ASP B 174 -11.98 -15.51 -6.12
CA ASP B 174 -11.90 -16.49 -7.19
C ASP B 174 -12.89 -16.14 -8.30
N THR B 175 -14.14 -15.87 -7.95
CA THR B 175 -15.14 -15.55 -8.96
C THR B 175 -15.88 -14.24 -8.72
N LYS B 176 -15.96 -13.82 -7.46
CA LYS B 176 -16.62 -12.56 -7.14
C LYS B 176 -15.99 -11.46 -7.95
N GLN B 177 -16.82 -10.66 -8.62
CA GLN B 177 -16.34 -9.57 -9.47
C GLN B 177 -15.78 -8.38 -8.70
N GLU B 178 -14.64 -8.58 -8.05
CA GLU B 178 -13.97 -7.55 -7.28
C GLU B 178 -12.49 -7.78 -7.41
N ASP B 179 -11.77 -6.72 -7.78
CA ASP B 179 -10.33 -6.82 -7.97
C ASP B 179 -9.77 -5.46 -8.39
N ALA B 180 -8.50 -5.22 -8.12
CA ALA B 180 -7.86 -3.99 -8.55
C ALA B 180 -7.83 -4.13 -10.07
N CYS B 181 -7.42 -3.09 -10.79
CA CYS B 181 -7.35 -3.15 -12.25
C CYS B 181 -6.29 -2.17 -12.76
N GLN B 182 -6.22 -1.98 -14.07
CA GLN B 182 -5.24 -1.07 -14.63
C GLN B 182 -5.52 0.35 -14.16
N GLY B 183 -4.46 1.09 -13.85
CA GLY B 183 -4.64 2.44 -13.35
C GLY B 183 -4.40 2.42 -11.85
N ASP B 184 -4.67 1.28 -11.24
CA ASP B 184 -4.49 1.11 -9.81
C ASP B 184 -3.04 0.71 -9.52
N SER B 185 -2.34 0.27 -10.56
CA SER B 185 -0.95 -0.19 -10.44
C SER B 185 -0.04 0.79 -9.69
N GLY B 186 0.80 0.25 -8.80
CA GLY B 186 1.69 1.08 -8.02
C GLY B 186 1.03 1.61 -6.76
N GLY B 187 -0.29 1.41 -6.67
CA GLY B 187 -1.07 1.87 -5.53
C GLY B 187 -0.92 1.09 -4.24
N PRO B 188 -1.60 1.52 -3.18
CA PRO B 188 -1.53 0.87 -1.87
C PRO B 188 -2.37 -0.40 -1.65
N HIS B 189 -1.77 -1.31 -0.89
CA HIS B 189 -2.46 -2.51 -0.43
C HIS B 189 -2.04 -2.40 1.03
N VAL B 190 -2.97 -2.07 1.90
CA VAL B 190 -2.65 -1.93 3.31
C VAL B 190 -3.45 -2.93 4.12
N THR B 191 -2.99 -3.19 5.34
CA THR B 191 -3.68 -4.12 6.22
C THR B 191 -3.93 -3.44 7.54
N ARG B 192 -5.18 -3.52 7.99
CA ARG B 192 -5.57 -2.90 9.23
C ARG B 192 -5.30 -3.78 10.43
N PHE B 193 -4.78 -3.18 11.50
CA PHE B 193 -4.53 -3.90 12.74
C PHE B 193 -4.81 -2.94 13.89
N LYS B 194 -5.89 -3.18 14.62
CA LYS B 194 -6.26 -2.31 15.73
C LYS B 194 -6.44 -0.83 15.32
N ASP B 195 -7.07 -0.60 14.18
CA ASP B 195 -7.31 0.76 13.69
C ASP B 195 -6.11 1.46 13.08
N THR B 196 -5.01 0.73 12.92
CA THR B 196 -3.84 1.31 12.31
C THR B 196 -3.57 0.53 11.04
N TYR B 197 -3.39 1.27 9.95
CA TYR B 197 -3.15 0.70 8.64
C TYR B 197 -1.67 0.65 8.28
N PHE B 198 -1.19 -0.55 7.96
CA PHE B 198 0.20 -0.76 7.58
C PHE B 198 0.33 -1.13 6.10
N VAL B 199 1.41 -0.68 5.45
CA VAL B 199 1.66 -0.99 4.04
C VAL B 199 1.98 -2.48 3.90
N THR B 200 1.27 -3.20 3.05
CA THR B 200 1.56 -4.63 2.88
C THR B 200 1.81 -5.07 1.44
N GLY B 201 1.49 -4.21 0.48
CA GLY B 201 1.70 -4.57 -0.91
C GLY B 201 1.60 -3.36 -1.81
N ILE B 202 1.95 -3.56 -3.08
CA ILE B 202 1.90 -2.53 -4.10
C ILE B 202 1.14 -3.20 -5.24
N VAL B 203 0.06 -2.59 -5.72
CA VAL B 203 -0.67 -3.20 -6.82
C VAL B 203 0.34 -3.44 -7.96
N SER B 204 0.46 -4.69 -8.39
CA SER B 204 1.42 -5.02 -9.44
C SER B 204 0.84 -5.38 -10.80
N TRP B 205 0.12 -6.49 -10.85
CA TRP B 205 -0.48 -6.94 -12.09
C TRP B 205 -1.53 -8.01 -11.80
N GLY B 206 -2.01 -8.67 -12.84
CA GLY B 206 -3.00 -9.71 -12.68
C GLY B 206 -3.37 -10.09 -14.08
N GLU B 207 -4.23 -11.10 -14.23
CA GLU B 207 -4.67 -11.52 -15.55
C GLU B 207 -6.07 -10.98 -15.74
N GLY B 208 -6.15 -9.87 -16.47
CA GLY B 208 -7.42 -9.20 -16.69
C GLY B 208 -7.78 -8.48 -15.40
N CYS B 209 -9.07 -8.45 -15.08
CA CYS B 209 -9.51 -7.80 -13.88
C CYS B 209 -10.77 -8.51 -13.41
N ALA B 210 -10.73 -9.06 -12.20
CA ALA B 210 -11.87 -9.78 -11.62
C ALA B 210 -12.22 -11.03 -12.43
N ARG B 211 -11.22 -11.57 -13.12
CA ARG B 211 -11.42 -12.76 -13.93
C ARG B 211 -11.60 -13.97 -13.03
N LYS B 212 -12.60 -14.78 -13.34
CA LYS B 212 -12.86 -15.98 -12.55
C LYS B 212 -11.64 -16.89 -12.59
N GLY B 213 -11.24 -17.37 -11.42
CA GLY B 213 -10.08 -18.24 -11.32
C GLY B 213 -8.74 -17.52 -11.25
N LYS B 214 -8.77 -16.19 -11.32
CA LYS B 214 -7.55 -15.37 -11.29
C LYS B 214 -7.60 -14.39 -10.13
N TYR B 215 -6.43 -14.05 -9.59
CA TYR B 215 -6.34 -13.13 -8.45
C TYR B 215 -5.54 -11.86 -8.77
N GLY B 216 -5.50 -10.94 -7.81
CA GLY B 216 -4.74 -9.74 -8.01
C GLY B 216 -3.34 -10.02 -7.50
N ILE B 217 -2.32 -9.67 -8.28
CA ILE B 217 -0.94 -9.89 -7.87
C ILE B 217 -0.32 -8.60 -7.32
N TYR B 218 0.25 -8.72 -6.13
CA TYR B 218 0.88 -7.58 -5.45
C TYR B 218 2.32 -7.86 -5.13
N THR B 219 3.11 -6.79 -5.14
CA THR B 219 4.52 -6.89 -4.78
C THR B 219 4.53 -7.15 -3.27
N LYS B 220 5.38 -8.05 -2.82
CA LYS B 220 5.46 -8.39 -1.40
C LYS B 220 6.31 -7.37 -0.65
N VAL B 221 5.66 -6.35 -0.12
CA VAL B 221 6.35 -5.30 0.62
C VAL B 221 7.26 -5.79 1.76
N THR B 222 6.82 -6.77 2.54
CA THR B 222 7.66 -7.25 3.65
C THR B 222 9.03 -7.76 3.21
N ALA B 223 9.14 -8.17 1.95
CA ALA B 223 10.40 -8.69 1.42
C ALA B 223 11.33 -7.55 1.08
N PHE B 224 10.81 -6.33 1.11
CA PHE B 224 11.61 -5.17 0.75
C PHE B 224 11.68 -4.07 1.80
N LEU B 225 11.42 -4.38 3.06
CA LEU B 225 11.48 -3.36 4.10
C LEU B 225 12.86 -2.75 4.29
N LYS B 226 13.89 -3.60 4.41
CA LYS B 226 15.24 -3.09 4.57
C LYS B 226 15.61 -2.23 3.36
N TRP B 227 15.18 -2.68 2.19
CA TRP B 227 15.44 -1.95 0.94
C TRP B 227 14.77 -0.56 0.97
N ILE B 228 13.50 -0.54 1.37
CA ILE B 228 12.74 0.70 1.48
C ILE B 228 13.44 1.63 2.46
N ASP B 229 13.82 1.09 3.62
CA ASP B 229 14.52 1.87 4.65
C ASP B 229 15.76 2.51 4.05
N ARG B 230 16.59 1.71 3.40
CA ARG B 230 17.81 2.23 2.80
C ARG B 230 17.52 3.36 1.83
N SER B 231 16.61 3.11 0.90
CA SER B 231 16.23 4.10 -0.08
C SER B 231 15.76 5.43 0.53
N MET B 232 15.07 5.36 1.66
CA MET B 232 14.55 6.55 2.32
C MET B 232 15.64 7.32 3.07
N LYS B 233 16.64 6.62 3.58
CA LYS B 233 17.72 7.28 4.30
C LYS B 233 18.56 7.99 3.24
N THR B 234 18.37 7.56 1.99
CA THR B 234 19.08 8.13 0.86
C THR B 234 18.19 8.20 -0.37
#